data_3L3Z
#
_entry.id   3L3Z
#
_cell.length_a   56.427
_cell.length_b   66.830
_cell.length_c   72.494
_cell.angle_alpha   90.00
_cell.angle_beta   90.00
_cell.angle_gamma   90.00
#
_symmetry.space_group_name_H-M   'P 21 21 21'
#
loop_
_entity.id
_entity.type
_entity.pdbx_description
1 polymer 'Androgen receptor'
2 polymer 'Nuclear receptor coactivator 3'
3 non-polymer 5-ALPHA-DIHYDROTESTOSTERONE
4 water water
#
loop_
_entity_poly.entity_id
_entity_poly.type
_entity_poly.pdbx_seq_one_letter_code
_entity_poly.pdbx_strand_id
1 'polypeptide(L)'
;SQPIFLNVLEAIEPGVVCAGHDNNQPDSFAALLSSLNELGERQLVHVVKWAKALPGFRNLHVDDQMAVIQYSWMGLMVFA
MGWRSFTNVNSRMLYFAPDLVFNEYRMHKSRMYSQCVRMRHLSQEFGWLQITPQEFLCMKALLLFSIIPVDGLKNQKFFD
ELRMNYIKELDRIIACKRKNPTSCSRRFYQLTKLLDSVQPIARELHQFTFDLLIKSHMVSVDFPEMMAEIISVQVPKILS
GKVKPIYFHT
;
A
2 'polypeptide(L)' NALLRYLLDRDD B
#
loop_
_chem_comp.id
_chem_comp.type
_chem_comp.name
_chem_comp.formula
DHT non-polymer 5-ALPHA-DIHYDROTESTOSTERONE 'C19 H30 O2'
#
# COMPACT_ATOMS: atom_id res chain seq x y z
N SER A 1 16.32 -18.30 -20.68
CA SER A 1 15.94 -16.89 -20.98
C SER A 1 16.01 -16.03 -19.72
N GLN A 2 16.99 -15.13 -19.68
CA GLN A 2 17.18 -14.19 -18.55
C GLN A 2 15.95 -13.29 -18.25
N PRO A 3 15.46 -13.31 -16.98
CA PRO A 3 14.25 -12.57 -16.63
C PRO A 3 14.53 -11.09 -16.67
N ILE A 4 13.46 -10.30 -16.80
CA ILE A 4 13.53 -8.86 -16.98
C ILE A 4 12.55 -8.20 -16.02
N PHE A 5 11.35 -8.76 -15.93
CA PHE A 5 10.33 -8.15 -15.09
C PHE A 5 10.83 -8.00 -13.65
N LEU A 6 11.38 -9.09 -13.10
CA LEU A 6 11.85 -9.10 -11.73
C LEU A 6 13.09 -8.22 -11.54
N ASN A 7 13.98 -8.18 -12.53
CA ASN A 7 15.13 -7.24 -12.48
C ASN A 7 14.60 -5.80 -12.20
N VAL A 8 13.55 -5.40 -12.93
CA VAL A 8 13.01 -4.07 -12.82
C VAL A 8 12.40 -3.86 -11.43
N LEU A 9 11.49 -4.73 -11.02
CA LEU A 9 10.88 -4.60 -9.67
C LEU A 9 11.88 -4.44 -8.53
N GLU A 10 12.89 -5.28 -8.53
CA GLU A 10 13.95 -5.22 -7.50
C GLU A 10 14.72 -3.92 -7.59
N ALA A 11 15.04 -3.48 -8.80
CA ALA A 11 15.76 -2.22 -9.01
C ALA A 11 15.06 -0.99 -8.53
N ILE A 12 13.74 -0.91 -8.73
CA ILE A 12 12.99 0.27 -8.38
C ILE A 12 12.42 0.25 -6.97
N GLU A 13 12.63 -0.81 -6.23
CA GLU A 13 12.01 -0.91 -4.89
C GLU A 13 12.51 0.24 -3.98
N PRO A 14 11.57 0.98 -3.38
CA PRO A 14 11.94 2.17 -2.59
C PRO A 14 12.81 1.80 -1.40
N GLY A 15 13.73 2.68 -1.08
CA GLY A 15 14.61 2.47 0.06
C GLY A 15 13.91 2.89 1.31
N VAL A 16 14.71 3.04 2.36
CA VAL A 16 14.26 3.45 3.69
C VAL A 16 13.65 4.84 3.70
N VAL A 17 12.51 5.00 4.38
CA VAL A 17 11.89 6.29 4.55
C VAL A 17 11.62 6.58 6.04
N CYS A 18 12.11 7.72 6.50
CA CYS A 18 11.88 8.16 7.88
C CYS A 18 10.66 9.09 8.00
N ALA A 19 10.01 9.04 9.17
CA ALA A 19 8.79 9.81 9.43
C ALA A 19 9.12 11.23 9.87
N GLY A 20 10.29 11.40 10.50
CA GLY A 20 10.71 12.70 11.04
C GLY A 20 10.16 12.83 12.44
N HIS A 21 9.82 11.70 13.05
CA HIS A 21 9.21 11.72 14.36
C HIS A 21 10.23 12.08 15.43
N ASP A 22 9.87 12.99 16.33
CA ASP A 22 10.71 13.28 17.46
C ASP A 22 10.41 12.31 18.59
N ASN A 23 11.24 11.28 18.74
CA ASN A 23 11.03 10.26 19.77
C ASN A 23 11.23 10.77 21.23
N ASN A 24 11.46 12.08 21.39
CA ASN A 24 11.64 12.72 22.72
C ASN A 24 10.33 13.18 23.33
N GLN A 25 9.37 13.52 22.50
CA GLN A 25 8.06 13.89 23.01
C GLN A 25 7.28 12.66 23.48
N PRO A 26 6.39 12.84 24.45
CA PRO A 26 5.57 11.72 24.89
C PRO A 26 4.69 11.15 23.78
N ASP A 27 4.28 9.90 23.94
CA ASP A 27 3.49 9.20 22.95
C ASP A 27 2.06 9.65 23.08
N SER A 28 1.67 10.68 22.36
CA SER A 28 0.30 11.16 22.42
C SER A 28 -0.41 10.84 21.13
N PHE A 29 -1.73 10.85 21.18
CA PHE A 29 -2.52 10.68 19.98
C PHE A 29 -2.06 11.70 18.90
N ALA A 30 -2.00 12.98 19.29
CA ALA A 30 -1.70 14.05 18.32
C ALA A 30 -0.31 13.92 17.71
N ALA A 31 0.68 13.57 18.54
CA ALA A 31 2.04 13.47 18.07
C ALA A 31 2.22 12.22 17.14
N LEU A 32 1.67 11.10 17.53
CA LEU A 32 1.80 9.87 16.76
C LEU A 32 1.09 10.00 15.41
N LEU A 33 -0.13 10.50 15.43
CA LEU A 33 -0.90 10.56 14.19
C LEU A 33 -0.36 11.63 13.26
N SER A 34 0.14 12.70 13.82
CA SER A 34 0.75 13.75 12.98
C SER A 34 2.00 13.19 12.29
N SER A 35 2.77 12.36 12.99
CA SER A 35 3.99 11.77 12.40
C SER A 35 3.63 10.71 11.38
N LEU A 36 2.52 10.00 11.59
CA LEU A 36 2.10 8.96 10.64
C LEU A 36 1.66 9.66 9.38
N ASN A 37 0.93 10.79 9.53
CA ASN A 37 0.48 11.57 8.36
C ASN A 37 1.66 12.12 7.55
N GLU A 38 2.71 12.55 8.26
CA GLU A 38 3.94 13.03 7.58
C GLU A 38 4.62 11.89 6.81
N LEU A 39 4.70 10.71 7.44
CA LEU A 39 5.28 9.54 6.80
C LEU A 39 4.49 9.14 5.55
N GLY A 40 3.17 9.23 5.64
CA GLY A 40 2.33 8.94 4.52
C GLY A 40 2.64 9.89 3.41
N GLU A 41 2.83 11.16 3.75
CA GLU A 41 3.12 12.19 2.71
C GLU A 41 4.48 11.87 2.04
N ARG A 42 5.48 11.56 2.84
CA ARG A 42 6.82 11.26 2.29
C ARG A 42 6.79 9.97 1.48
N GLN A 43 6.09 8.99 2.00
CA GLN A 43 5.95 7.77 1.27
C GLN A 43 5.15 7.91 -0.02
N LEU A 44 4.20 8.84 -0.04
CA LEU A 44 3.46 9.04 -1.28
C LEU A 44 4.42 9.50 -2.40
N VAL A 45 5.39 10.35 -2.07
CA VAL A 45 6.43 10.73 -3.06
C VAL A 45 7.14 9.53 -3.68
N HIS A 46 7.54 8.56 -2.86
CA HIS A 46 8.22 7.37 -3.38
C HIS A 46 7.29 6.46 -4.14
N VAL A 47 6.04 6.41 -3.72
CA VAL A 47 5.05 5.60 -4.42
C VAL A 47 4.91 6.13 -5.86
N VAL A 48 4.78 7.46 -6.00
CA VAL A 48 4.74 8.08 -7.35
C VAL A 48 5.95 7.81 -8.22
N LYS A 49 7.14 8.02 -7.67
CA LYS A 49 8.38 7.77 -8.44
C LYS A 49 8.55 6.28 -8.80
N TRP A 50 8.18 5.41 -7.88
CA TRP A 50 8.14 3.98 -8.09
C TRP A 50 7.17 3.59 -9.23
N ALA A 51 5.91 3.99 -9.10
CA ALA A 51 4.88 3.66 -10.08
C ALA A 51 5.26 4.09 -11.52
N LYS A 52 5.85 5.25 -11.63
CA LYS A 52 6.28 5.78 -12.92
C LYS A 52 7.33 4.90 -13.57
N ALA A 53 8.12 4.16 -12.77
CA ALA A 53 9.17 3.30 -13.32
C ALA A 53 8.66 1.88 -13.59
N LEU A 54 7.40 1.61 -13.25
CA LEU A 54 6.85 0.28 -13.41
C LEU A 54 6.58 -0.03 -14.87
N PRO A 55 6.82 -1.25 -15.27
CA PRO A 55 6.56 -1.64 -16.66
C PRO A 55 5.12 -1.38 -17.11
N GLY A 56 4.96 -0.69 -18.24
CA GLY A 56 3.65 -0.37 -18.79
C GLY A 56 2.86 0.74 -18.12
N PHE A 57 3.29 1.23 -16.96
CA PHE A 57 2.45 2.16 -16.20
C PHE A 57 2.21 3.49 -16.94
N ARG A 58 3.25 4.02 -17.59
CA ARG A 58 3.17 5.28 -18.31
C ARG A 58 2.32 5.20 -19.56
N ASN A 59 2.00 4.01 -20.02
CA ASN A 59 1.06 3.81 -21.10
C ASN A 59 -0.40 3.99 -20.66
N LEU A 60 -0.63 4.29 -19.39
CA LEU A 60 -1.99 4.57 -18.93
C LEU A 60 -2.25 6.04 -19.11
N HIS A 61 -3.51 6.38 -19.32
CA HIS A 61 -3.89 7.80 -19.35
C HIS A 61 -3.41 8.49 -18.05
N VAL A 62 -2.80 9.66 -18.19
CA VAL A 62 -2.34 10.42 -17.03
C VAL A 62 -3.33 10.50 -15.88
N ASP A 63 -4.61 10.81 -16.16
CA ASP A 63 -5.65 10.82 -15.15
C ASP A 63 -5.88 9.43 -14.49
N ASP A 64 -5.67 8.34 -15.23
CA ASP A 64 -5.82 7.02 -14.68
C ASP A 64 -4.63 6.70 -13.78
N GLN A 65 -3.49 7.26 -14.14
CA GLN A 65 -2.25 7.10 -13.40
C GLN A 65 -2.42 7.75 -12.03
N MET A 66 -3.00 8.94 -12.02
CA MET A 66 -3.31 9.65 -10.79
C MET A 66 -4.31 8.87 -9.96
N ALA A 67 -5.36 8.42 -10.62
CA ALA A 67 -6.42 7.65 -9.94
C ALA A 67 -5.90 6.40 -9.22
N VAL A 68 -5.22 5.50 -9.91
CA VAL A 68 -4.78 4.28 -9.23
C VAL A 68 -3.88 4.54 -8.04
N ILE A 69 -3.04 5.58 -8.17
CA ILE A 69 -2.15 5.99 -7.10
C ILE A 69 -2.96 6.56 -5.92
N GLN A 70 -3.91 7.45 -6.23
CA GLN A 70 -4.76 8.06 -5.16
C GLN A 70 -5.62 7.03 -4.42
N TYR A 71 -6.05 6.00 -5.12
CA TYR A 71 -6.85 4.93 -4.55
C TYR A 71 -6.09 3.82 -3.84
N SER A 72 -4.90 3.51 -4.32
CA SER A 72 -4.25 2.31 -3.82
C SER A 72 -3.07 2.55 -2.88
N TRP A 73 -2.70 3.78 -2.63
CA TRP A 73 -1.56 4.03 -1.78
C TRP A 73 -1.70 3.38 -0.39
N MET A 74 -2.90 3.42 0.20
CA MET A 74 -3.06 2.88 1.53
C MET A 74 -2.68 1.42 1.55
N GLY A 75 -3.24 0.66 0.64
CA GLY A 75 -2.95 -0.78 0.54
C GLY A 75 -1.52 -1.08 0.27
N LEU A 76 -0.92 -0.31 -0.63
CA LEU A 76 0.49 -0.45 -0.95
C LEU A 76 1.37 -0.23 0.25
N MET A 77 1.16 0.89 0.95
CA MET A 77 1.97 1.24 2.11
C MET A 77 1.81 0.28 3.28
N VAL A 78 0.61 -0.25 3.51
CA VAL A 78 0.38 -1.25 4.55
C VAL A 78 1.07 -2.58 4.24
N PHE A 79 1.00 -3.00 2.98
CA PHE A 79 1.63 -4.25 2.58
C PHE A 79 3.14 -4.15 2.77
N ALA A 80 3.71 -3.06 2.28
CA ALA A 80 5.10 -2.83 2.45
C ALA A 80 5.54 -2.75 3.90
N MET A 81 4.77 -2.08 4.73
CA MET A 81 5.10 -1.90 6.16
C MET A 81 5.00 -3.25 6.85
N GLY A 82 4.08 -4.10 6.40
CA GLY A 82 3.98 -5.42 7.01
C GLY A 82 5.23 -6.26 6.68
N TRP A 83 5.79 -6.07 5.47
CA TRP A 83 6.97 -6.77 5.07
C TRP A 83 8.15 -6.36 5.90
N ARG A 84 8.31 -5.04 6.10
CA ARG A 84 9.37 -4.47 6.94
C ARG A 84 9.24 -4.92 8.35
N SER A 85 8.03 -4.95 8.86
CA SER A 85 7.82 -5.44 10.22
C SER A 85 8.22 -6.93 10.34
N PHE A 86 7.88 -7.71 9.34
CA PHE A 86 8.22 -9.11 9.33
C PHE A 86 9.76 -9.34 9.29
N THR A 87 10.44 -8.64 8.39
CA THR A 87 11.88 -8.79 8.25
C THR A 87 12.72 -8.10 9.33
N ASN A 88 12.26 -6.99 9.92
CA ASN A 88 13.06 -6.20 10.91
C ASN A 88 12.84 -6.60 12.35
N VAL A 89 11.61 -6.99 12.68
CA VAL A 89 11.27 -7.24 14.07
C VAL A 89 10.40 -8.49 14.19
N ASN A 90 10.46 -9.35 13.19
CA ASN A 90 9.70 -10.60 13.14
C ASN A 90 8.21 -10.42 13.43
N SER A 91 7.64 -9.33 12.91
CA SER A 91 6.23 -8.96 13.13
C SER A 91 5.84 -8.69 14.60
N ARG A 92 6.83 -8.52 15.47
CA ARG A 92 6.61 -8.37 16.90
C ARG A 92 6.15 -6.96 17.16
N MET A 93 6.55 -6.04 16.28
CA MET A 93 6.13 -4.64 16.32
C MET A 93 5.85 -4.10 14.91
N LEU A 94 5.17 -2.95 14.80
CA LEU A 94 4.87 -2.43 13.48
C LEU A 94 5.94 -1.43 13.09
N TYR A 95 6.74 -1.78 12.11
CA TYR A 95 7.90 -1.00 11.70
C TYR A 95 7.45 -0.02 10.62
N PHE A 96 6.73 1.00 11.05
CA PHE A 96 6.32 2.07 10.10
C PHE A 96 7.53 2.75 9.47
N ALA A 97 8.50 3.09 10.30
CA ALA A 97 9.77 3.70 9.88
C ALA A 97 10.82 3.53 10.94
N PRO A 98 12.11 3.73 10.59
CA PRO A 98 13.20 3.50 11.57
C PRO A 98 13.02 4.37 12.80
N ASP A 99 12.47 5.57 12.62
CA ASP A 99 12.22 6.50 13.73
C ASP A 99 10.73 6.49 14.19
N LEU A 100 9.96 5.48 13.80
CA LEU A 100 8.53 5.42 14.21
C LEU A 100 8.08 3.97 14.22
N VAL A 101 8.51 3.27 15.25
CA VAL A 101 8.17 1.87 15.45
C VAL A 101 7.09 1.83 16.53
N PHE A 102 5.97 1.18 16.25
CA PHE A 102 4.89 1.08 17.26
C PHE A 102 5.06 -0.19 18.09
N ASN A 103 5.08 0.00 19.39
CA ASN A 103 4.94 -1.05 20.33
C ASN A 103 3.51 -1.05 20.84
N GLU A 104 3.20 -1.91 21.80
CA GLU A 104 1.86 -2.04 22.41
C GLU A 104 1.33 -0.71 22.90
N TYR A 105 2.14 -0.01 23.69
CA TYR A 105 1.74 1.31 24.21
C TYR A 105 1.31 2.32 23.08
N ARG A 106 2.13 2.39 22.03
CA ARG A 106 1.78 3.27 20.88
C ARG A 106 0.52 2.80 20.10
N MET A 107 0.33 1.49 19.99
CA MET A 107 -0.86 0.96 19.36
C MET A 107 -2.12 1.45 20.10
N HIS A 108 -2.07 1.45 21.44
CA HIS A 108 -3.19 1.95 22.21
C HIS A 108 -3.36 3.49 22.08
N LYS A 109 -2.25 4.18 22.23
CA LYS A 109 -2.21 5.62 22.23
C LYS A 109 -2.67 6.21 20.86
N SER A 110 -2.41 5.46 19.79
CA SER A 110 -2.82 5.85 18.43
C SER A 110 -4.33 5.80 18.25
N ARG A 111 -5.03 5.17 19.19
CA ARG A 111 -6.47 4.96 19.16
C ARG A 111 -6.91 4.07 18.01
N MET A 112 -5.96 3.37 17.39
CA MET A 112 -6.29 2.42 16.33
C MET A 112 -5.62 1.08 16.64
N TYR A 113 -5.86 0.60 17.85
CA TYR A 113 -5.23 -0.63 18.29
C TYR A 113 -5.73 -1.85 17.48
N SER A 114 -7.04 -1.96 17.29
CA SER A 114 -7.61 -3.02 16.49
C SER A 114 -7.00 -3.05 15.08
N GLN A 115 -6.94 -1.91 14.43
CA GLN A 115 -6.37 -1.86 13.09
C GLN A 115 -4.88 -2.27 13.12
N CYS A 116 -4.15 -1.83 14.14
CA CYS A 116 -2.74 -2.28 14.29
C CYS A 116 -2.60 -3.78 14.48
N VAL A 117 -3.50 -4.37 15.25
CA VAL A 117 -3.50 -5.80 15.41
C VAL A 117 -3.69 -6.50 14.03
N ARG A 118 -4.71 -6.06 13.29
CA ARG A 118 -4.91 -6.62 11.94
C ARG A 118 -3.68 -6.44 11.02
N MET A 119 -2.99 -5.33 11.16
CA MET A 119 -1.75 -5.11 10.39
C MET A 119 -0.65 -6.07 10.86
N ARG A 120 -0.64 -6.38 12.15
CA ARG A 120 0.34 -7.32 12.67
C ARG A 120 0.06 -8.71 12.18
N HIS A 121 -1.20 -9.12 12.11
CA HIS A 121 -1.56 -10.43 11.51
C HIS A 121 -1.11 -10.52 10.05
N LEU A 122 -1.33 -9.44 9.28
CA LEU A 122 -0.85 -9.36 7.90
C LEU A 122 0.67 -9.63 7.83
N SER A 123 1.43 -8.90 8.62
CA SER A 123 2.87 -9.04 8.70
C SER A 123 3.30 -10.50 9.02
N GLN A 124 2.62 -11.11 9.96
CA GLN A 124 2.90 -12.46 10.35
C GLN A 124 2.64 -13.43 9.19
N GLU A 125 1.64 -13.16 8.35
CA GLU A 125 1.38 -14.00 7.19
C GLU A 125 2.59 -14.16 6.29
N PHE A 126 3.40 -13.11 6.19
CA PHE A 126 4.61 -13.21 5.38
C PHE A 126 5.51 -14.35 5.91
N GLY A 127 5.51 -14.54 7.22
CA GLY A 127 6.26 -15.66 7.85
C GLY A 127 5.56 -17.01 7.70
N TRP A 128 4.27 -17.06 8.07
CA TRP A 128 3.52 -18.30 8.01
C TRP A 128 3.56 -18.94 6.62
N LEU A 129 3.39 -18.11 5.58
CA LEU A 129 3.41 -18.56 4.21
C LEU A 129 4.80 -18.66 3.61
N GLN A 130 5.79 -18.11 4.29
CA GLN A 130 7.17 -18.11 3.79
C GLN A 130 7.28 -17.38 2.47
N ILE A 131 6.67 -16.19 2.41
CA ILE A 131 6.70 -15.34 1.22
C ILE A 131 8.12 -14.96 0.81
N THR A 132 8.51 -15.31 -0.40
CA THR A 132 9.80 -14.96 -0.92
C THR A 132 9.85 -13.49 -1.30
N PRO A 133 11.05 -12.88 -1.33
CA PRO A 133 11.08 -11.46 -1.69
C PRO A 133 10.48 -11.24 -3.10
N GLN A 134 10.68 -12.17 -4.01
CA GLN A 134 10.16 -12.05 -5.36
C GLN A 134 8.61 -12.04 -5.38
N GLU A 135 8.00 -12.90 -4.58
CA GLU A 135 6.57 -13.03 -4.50
C GLU A 135 6.01 -11.75 -3.87
N PHE A 136 6.75 -11.21 -2.91
CA PHE A 136 6.40 -9.97 -2.23
C PHE A 136 6.40 -8.83 -3.27
N LEU A 137 7.43 -8.76 -4.11
CA LEU A 137 7.51 -7.65 -5.08
C LEU A 137 6.42 -7.70 -6.11
N CYS A 138 6.14 -8.89 -6.62
CA CYS A 138 5.07 -9.07 -7.58
C CYS A 138 3.67 -8.81 -7.02
N MET A 139 3.40 -9.21 -5.79
CA MET A 139 2.13 -8.96 -5.13
C MET A 139 1.95 -7.50 -4.88
N LYS A 140 2.99 -6.84 -4.39
CA LYS A 140 2.90 -5.40 -4.14
C LYS A 140 2.59 -4.61 -5.45
N ALA A 141 3.29 -4.97 -6.53
CA ALA A 141 3.04 -4.31 -7.81
C ALA A 141 1.58 -4.52 -8.23
N LEU A 142 1.05 -5.71 -7.98
CA LEU A 142 -0.34 -5.96 -8.37
C LEU A 142 -1.36 -5.14 -7.58
N LEU A 143 -1.02 -4.80 -6.33
CA LEU A 143 -1.87 -3.96 -5.48
C LEU A 143 -2.10 -2.58 -6.06
N LEU A 144 -1.17 -2.11 -6.86
CA LEU A 144 -1.34 -0.82 -7.51
C LEU A 144 -2.51 -0.87 -8.46
N PHE A 145 -2.78 -2.07 -8.99
CA PHE A 145 -3.83 -2.29 -9.96
C PHE A 145 -5.01 -3.05 -9.32
N SER A 146 -5.24 -2.85 -8.02
CA SER A 146 -6.32 -3.57 -7.38
C SER A 146 -7.50 -2.74 -6.92
N ILE A 147 -7.54 -1.47 -7.28
CA ILE A 147 -8.68 -0.63 -6.94
C ILE A 147 -9.03 0.43 -7.97
N ILE A 148 -10.27 0.42 -8.45
CA ILE A 148 -10.67 1.33 -9.53
C ILE A 148 -12.14 1.75 -9.38
N PRO A 149 -12.54 2.82 -10.07
CA PRO A 149 -13.95 3.20 -9.99
C PRO A 149 -14.86 2.16 -10.61
N VAL A 150 -16.09 2.08 -10.09
CA VAL A 150 -17.06 1.15 -10.59
C VAL A 150 -17.46 1.56 -11.99
N ASP A 151 -17.34 2.84 -12.33
CA ASP A 151 -17.60 3.30 -13.71
C ASP A 151 -16.40 3.00 -14.62
N GLY A 152 -15.30 2.50 -14.07
CA GLY A 152 -14.12 2.22 -14.88
C GLY A 152 -13.24 3.46 -15.05
N LEU A 153 -12.08 3.24 -15.67
CA LEU A 153 -11.08 4.29 -15.88
C LEU A 153 -11.22 4.87 -17.27
N LYS A 154 -10.47 5.92 -17.59
CA LYS A 154 -10.54 6.50 -18.94
C LYS A 154 -10.15 5.47 -20.01
N ASN A 155 -9.06 4.76 -19.76
CA ASN A 155 -8.66 3.65 -20.63
C ASN A 155 -8.65 2.36 -19.83
N GLN A 156 -9.85 1.90 -19.48
CA GLN A 156 -10.06 0.61 -18.89
C GLN A 156 -9.40 -0.51 -19.67
N LYS A 157 -9.53 -0.49 -20.99
CA LYS A 157 -8.97 -1.54 -21.83
C LYS A 157 -7.52 -1.80 -21.50
N PHE A 158 -6.70 -0.77 -21.57
CA PHE A 158 -5.28 -0.95 -21.34
C PHE A 158 -4.99 -1.38 -19.89
N PHE A 159 -5.69 -0.79 -18.93
CA PHE A 159 -5.60 -1.18 -17.54
C PHE A 159 -5.86 -2.67 -17.32
N ASP A 160 -6.96 -3.17 -17.88
CA ASP A 160 -7.27 -4.61 -17.79
C ASP A 160 -6.18 -5.51 -18.38
N GLU A 161 -5.59 -5.08 -19.47
CA GLU A 161 -4.48 -5.85 -20.04
C GLU A 161 -3.21 -5.79 -19.14
N LEU A 162 -2.92 -4.61 -18.60
CA LEU A 162 -1.73 -4.45 -17.72
C LEU A 162 -1.94 -5.30 -16.47
N ARG A 163 -3.13 -5.17 -15.85
CA ARG A 163 -3.44 -5.94 -14.68
C ARG A 163 -3.24 -7.44 -14.97
N MET A 164 -3.85 -7.91 -16.07
CA MET A 164 -3.67 -9.32 -16.51
C MET A 164 -2.19 -9.70 -16.53
N ASN A 165 -1.37 -8.87 -17.17
CA ASN A 165 0.05 -9.15 -17.29
C ASN A 165 0.77 -9.22 -15.95
N TYR A 166 0.35 -8.44 -14.99
CA TYR A 166 1.00 -8.46 -13.71
C TYR A 166 0.61 -9.72 -12.97
N ILE A 167 -0.61 -10.21 -13.23
CA ILE A 167 -1.06 -11.50 -12.67
C ILE A 167 -0.20 -12.66 -13.24
N LYS A 168 0.07 -12.65 -14.55
CA LYS A 168 0.86 -13.72 -15.17
C LYS A 168 2.25 -13.73 -14.59
N GLU A 169 2.79 -12.54 -14.35
CA GLU A 169 4.14 -12.41 -13.77
C GLU A 169 4.20 -12.98 -12.33
N LEU A 170 3.16 -12.72 -11.55
CA LEU A 170 3.03 -13.34 -10.24
C LEU A 170 2.98 -14.87 -10.36
N ASP A 171 2.08 -15.36 -11.21
CA ASP A 171 1.99 -16.77 -11.48
C ASP A 171 3.36 -17.38 -11.88
N ARG A 172 4.15 -16.67 -12.66
CA ARG A 172 5.45 -17.21 -13.08
C ARG A 172 6.45 -17.40 -11.94
N ILE A 173 6.44 -16.54 -10.93
CA ILE A 173 7.50 -16.63 -9.91
C ILE A 173 7.04 -17.20 -8.60
N ILE A 174 5.81 -17.72 -8.53
CA ILE A 174 5.37 -18.40 -7.30
C ILE A 174 6.34 -19.54 -6.89
N ALA A 175 6.64 -19.57 -5.59
CA ALA A 175 7.56 -20.56 -5.04
C ALA A 175 6.85 -21.91 -4.96
N CYS A 176 7.19 -22.78 -5.91
CA CYS A 176 6.67 -24.14 -5.98
C CYS A 176 7.55 -25.01 -6.89
N LYS A 177 7.25 -26.30 -6.98
CA LYS A 177 7.72 -27.12 -8.11
C LYS A 177 6.61 -28.00 -8.62
N LYS A 179 7.26 -30.75 -10.64
CA LYS A 179 6.84 -32.15 -10.47
C LYS A 179 5.57 -32.31 -9.61
N ASN A 180 5.05 -31.22 -9.04
CA ASN A 180 3.87 -31.31 -8.18
C ASN A 180 2.95 -30.15 -8.50
N PRO A 181 2.17 -30.26 -9.60
CA PRO A 181 1.24 -29.19 -9.99
C PRO A 181 0.28 -28.73 -8.88
N THR A 182 -0.09 -29.64 -7.98
CA THR A 182 -0.94 -29.29 -6.83
C THR A 182 -0.32 -28.23 -5.92
N SER A 183 0.98 -28.37 -5.63
CA SER A 183 1.68 -27.39 -4.77
C SER A 183 1.59 -25.96 -5.35
N CYS A 184 1.76 -25.83 -6.66
CA CYS A 184 1.66 -24.55 -7.36
C CYS A 184 0.26 -23.96 -7.31
N SER A 185 -0.71 -24.82 -7.55
CA SER A 185 -2.10 -24.47 -7.45
C SER A 185 -2.45 -23.99 -6.02
N ARG A 186 -1.94 -24.71 -5.03
CA ARG A 186 -2.18 -24.35 -3.65
C ARG A 186 -1.55 -22.99 -3.34
N ARG A 187 -0.34 -22.82 -3.82
CA ARG A 187 0.41 -21.60 -3.58
C ARG A 187 -0.29 -20.35 -4.16
N PHE A 188 -0.74 -20.47 -5.41
CA PHE A 188 -1.43 -19.37 -6.02
C PHE A 188 -2.70 -18.99 -5.26
N TYR A 189 -3.43 -19.99 -4.81
CA TYR A 189 -4.59 -19.77 -3.95
C TYR A 189 -4.21 -18.97 -2.69
N GLN A 190 -3.17 -19.42 -1.99
CA GLN A 190 -2.74 -18.72 -0.77
C GLN A 190 -2.38 -17.27 -1.04
N LEU A 191 -1.61 -17.01 -2.11
CA LEU A 191 -1.21 -15.65 -2.44
C LEU A 191 -2.40 -14.75 -2.84
N THR A 192 -3.32 -15.27 -3.63
CA THR A 192 -4.47 -14.47 -3.98
C THR A 192 -5.33 -14.12 -2.73
N LYS A 193 -5.40 -15.07 -1.81
CA LYS A 193 -6.10 -14.88 -0.56
C LYS A 193 -5.38 -13.84 0.30
N LEU A 194 -4.05 -13.85 0.31
CA LEU A 194 -3.28 -12.88 1.05
C LEU A 194 -3.54 -11.50 0.50
N LEU A 195 -3.44 -11.34 -0.81
CA LEU A 195 -3.73 -10.03 -1.46
C LEU A 195 -5.11 -9.49 -1.14
N ASP A 196 -6.14 -10.31 -1.35
CA ASP A 196 -7.49 -9.94 -0.96
C ASP A 196 -7.59 -9.40 0.52
N SER A 197 -6.90 -10.03 1.47
CA SER A 197 -6.99 -9.68 2.90
C SER A 197 -6.43 -8.30 3.20
N VAL A 198 -5.68 -7.76 2.25
CA VAL A 198 -5.15 -6.44 2.40
C VAL A 198 -6.27 -5.40 2.36
N GLN A 199 -7.30 -5.66 1.54
CA GLN A 199 -8.35 -4.66 1.32
C GLN A 199 -9.17 -4.32 2.52
N PRO A 200 -9.67 -5.32 3.28
CA PRO A 200 -10.45 -4.93 4.47
C PRO A 200 -9.62 -4.11 5.47
N ILE A 201 -8.33 -4.34 5.54
CA ILE A 201 -7.44 -3.55 6.42
C ILE A 201 -7.35 -2.11 5.94
N ALA A 202 -7.07 -1.93 4.64
CA ALA A 202 -6.99 -0.61 4.02
C ALA A 202 -8.29 0.14 4.25
N ARG A 203 -9.43 -0.54 4.13
CA ARG A 203 -10.74 0.07 4.33
C ARG A 203 -10.95 0.62 5.75
N GLU A 204 -10.49 -0.13 6.76
CA GLU A 204 -10.59 0.37 8.12
C GLU A 204 -9.74 1.62 8.30
N LEU A 205 -8.57 1.62 7.70
CA LEU A 205 -7.64 2.73 7.83
C LEU A 205 -8.20 3.93 7.08
N HIS A 206 -8.83 3.67 5.92
CA HIS A 206 -9.47 4.70 5.14
C HIS A 206 -10.59 5.38 5.95
N GLN A 207 -11.41 4.57 6.63
CA GLN A 207 -12.48 5.10 7.49
C GLN A 207 -11.92 5.93 8.64
N PHE A 208 -10.90 5.37 9.31
CA PHE A 208 -10.27 6.03 10.40
C PHE A 208 -9.67 7.37 10.00
N THR A 209 -8.87 7.38 8.94
CA THR A 209 -8.19 8.62 8.56
C THR A 209 -9.20 9.70 8.09
N PHE A 210 -10.28 9.26 7.45
CA PHE A 210 -11.34 10.21 6.99
C PHE A 210 -11.95 10.88 8.22
N ASP A 211 -12.30 10.08 9.21
CA ASP A 211 -12.92 10.61 10.41
C ASP A 211 -11.96 11.52 11.13
N LEU A 212 -10.69 11.12 11.12
CA LEU A 212 -9.65 11.89 11.79
C LEU A 212 -9.51 13.25 11.12
N LEU A 213 -9.52 13.26 9.79
CA LEU A 213 -9.35 14.52 9.04
C LEU A 213 -10.49 15.48 9.41
N ILE A 214 -11.69 14.94 9.50
CA ILE A 214 -12.88 15.76 9.82
C ILE A 214 -12.74 16.50 11.16
N LYS A 215 -12.27 15.78 12.17
CA LYS A 215 -12.06 16.39 13.49
C LYS A 215 -10.61 16.75 13.78
N SER A 216 -9.80 16.93 12.73
CA SER A 216 -8.36 17.17 12.88
C SER A 216 -8.06 18.43 13.68
N HIS A 217 -8.75 19.52 13.39
CA HIS A 217 -8.57 20.77 14.13
C HIS A 217 -8.91 20.62 15.64
N MET A 218 -9.88 19.78 15.98
CA MET A 218 -10.29 19.58 17.37
C MET A 218 -9.36 18.66 18.16
N VAL A 219 -8.71 17.71 17.48
CA VAL A 219 -7.78 16.78 18.14
C VAL A 219 -6.29 17.14 17.89
N SER A 220 -6.06 18.30 17.28
CA SER A 220 -4.72 18.81 16.99
C SER A 220 -3.86 17.85 16.18
N VAL A 221 -4.43 17.29 15.10
CA VAL A 221 -3.66 16.41 14.21
C VAL A 221 -3.49 17.10 12.85
N ASP A 222 -2.23 17.30 12.48
CA ASP A 222 -1.88 17.95 11.22
C ASP A 222 -1.91 16.96 10.08
N PHE A 223 -2.45 17.41 8.97
CA PHE A 223 -2.45 16.62 7.72
C PHE A 223 -1.69 17.41 6.69
N PRO A 224 -0.65 16.79 6.10
CA PRO A 224 0.06 17.46 5.03
C PRO A 224 -0.86 17.72 3.81
N GLU A 225 -0.46 18.60 2.92
CA GLU A 225 -1.30 19.01 1.79
C GLU A 225 -1.81 17.89 0.91
N MET A 226 -0.92 17.03 0.46
CA MET A 226 -1.28 15.98 -0.45
C MET A 226 -2.23 14.95 0.24
N MET A 227 -1.92 14.56 1.47
CA MET A 227 -2.78 13.65 2.22
C MET A 227 -4.14 14.27 2.44
N ALA A 228 -4.18 15.52 2.91
CA ALA A 228 -5.45 16.25 3.10
C ALA A 228 -6.35 16.20 1.88
N GLU A 229 -5.74 16.44 0.72
CA GLU A 229 -6.45 16.51 -0.53
C GLU A 229 -7.04 15.13 -0.91
N ILE A 230 -6.20 14.10 -0.90
CA ILE A 230 -6.62 12.75 -1.24
C ILE A 230 -7.67 12.20 -0.23
N ILE A 231 -7.52 12.56 1.03
CA ILE A 231 -8.43 12.03 2.08
C ILE A 231 -9.82 12.69 2.00
N SER A 232 -9.85 13.89 1.42
CA SER A 232 -11.09 14.66 1.35
C SER A 232 -11.79 14.53 0.01
N VAL A 233 -11.09 14.05 -1.03
CA VAL A 233 -11.64 13.92 -2.40
C VAL A 233 -11.74 12.45 -2.85
N GLN A 234 -10.65 11.71 -2.81
CA GLN A 234 -10.61 10.33 -3.31
C GLN A 234 -11.13 9.34 -2.29
N VAL A 235 -10.70 9.47 -1.03
CA VAL A 235 -11.08 8.48 -0.02
C VAL A 235 -12.63 8.41 0.15
N PRO A 236 -13.32 9.56 0.13
CA PRO A 236 -14.80 9.53 0.20
C PRO A 236 -15.45 8.75 -0.92
N LYS A 237 -14.82 8.71 -2.08
CA LYS A 237 -15.35 7.96 -3.21
C LYS A 237 -15.30 6.47 -2.97
N ILE A 238 -14.31 6.02 -2.25
CA ILE A 238 -14.25 4.63 -1.81
C ILE A 238 -15.30 4.36 -0.72
N LEU A 239 -15.38 5.26 0.26
CA LEU A 239 -16.31 5.04 1.38
C LEU A 239 -17.76 5.12 0.91
N SER A 240 -18.03 5.88 -0.15
CA SER A 240 -19.40 6.04 -0.68
C SER A 240 -19.73 4.96 -1.73
N GLY A 241 -18.77 4.08 -2.03
CA GLY A 241 -18.98 3.03 -3.00
C GLY A 241 -18.78 3.31 -4.48
N LYS A 242 -18.25 4.48 -4.83
CA LYS A 242 -17.97 4.81 -6.20
C LYS A 242 -16.67 4.10 -6.72
N VAL A 243 -15.75 3.83 -5.81
CA VAL A 243 -14.50 3.13 -6.14
C VAL A 243 -14.41 1.88 -5.30
N LYS A 244 -14.11 0.74 -5.94
CA LYS A 244 -14.09 -0.52 -5.22
C LYS A 244 -12.83 -1.32 -5.53
N PRO A 245 -12.37 -2.14 -4.57
CA PRO A 245 -11.28 -3.05 -4.79
C PRO A 245 -11.63 -4.14 -5.75
N ILE A 246 -10.65 -4.67 -6.45
CA ILE A 246 -10.80 -5.82 -7.30
C ILE A 246 -10.37 -7.06 -6.49
N TYR A 247 -11.31 -7.90 -6.11
CA TYR A 247 -10.97 -9.08 -5.35
C TYR A 247 -10.74 -10.23 -6.28
N PHE A 248 -9.81 -11.13 -5.92
CA PHE A 248 -9.71 -12.43 -6.55
C PHE A 248 -10.87 -13.35 -6.22
N HIS A 249 -11.18 -13.48 -4.93
CA HIS A 249 -12.21 -14.38 -4.47
C HIS A 249 -13.43 -13.62 -3.96
N THR A 250 -14.56 -14.25 -4.02
CA THR A 250 -15.81 -13.69 -3.57
C THR A 250 -16.11 -14.14 -2.13
N ASN B 1 -5.37 18.31 -6.55
CA ASN B 1 -4.25 17.32 -6.72
C ASN B 1 -3.07 17.90 -7.52
N ALA B 2 -2.83 19.20 -7.36
CA ALA B 2 -1.77 19.86 -8.12
C ALA B 2 -0.40 19.24 -7.80
N LEU B 3 -0.12 19.10 -6.50
CA LEU B 3 1.18 18.58 -6.03
C LEU B 3 1.46 17.18 -6.58
N LEU B 4 0.47 16.30 -6.56
CA LEU B 4 0.62 14.95 -7.16
C LEU B 4 0.98 14.99 -8.63
N ARG B 5 0.28 15.82 -9.40
CA ARG B 5 0.50 16.01 -10.84
C ARG B 5 1.93 16.40 -11.12
N TYR B 6 2.43 17.33 -10.32
CA TYR B 6 3.80 17.82 -10.45
C TYR B 6 4.79 16.67 -10.27
N LEU B 7 4.59 15.82 -9.26
CA LEU B 7 5.46 14.66 -9.00
C LEU B 7 5.48 13.64 -10.16
N LEU B 8 4.33 13.51 -10.82
CA LEU B 8 4.19 12.65 -12.01
C LEU B 8 4.85 13.23 -13.25
N ASP B 9 4.61 14.53 -13.52
CA ASP B 9 5.13 15.21 -14.72
C ASP B 9 6.64 15.38 -14.69
N ARG B 10 7.18 15.80 -13.53
CA ARG B 10 8.60 16.12 -13.38
C ARG B 10 9.42 14.88 -13.62
N ASP B 11 10.36 14.95 -14.56
CA ASP B 11 11.14 13.79 -15.00
C ASP B 11 10.24 12.63 -15.50
N ASP B 12 10.39 12.26 -16.78
CA ASP B 12 9.65 11.13 -17.34
C ASP B 12 10.24 10.68 -18.70
C1 DHT C . 2.02 5.44 6.64
C2 DHT C . 3.05 4.58 5.85
C3 DHT C . 3.08 3.17 6.44
O3 DHT C . 4.16 2.59 6.66
C4 DHT C . 1.74 2.52 6.77
C5 DHT C . 0.81 3.45 7.54
C6 DHT C . -0.55 2.79 7.88
C7 DHT C . -1.43 3.72 8.76
C8 DHT C . -1.63 5.10 8.09
C9 DHT C . -0.27 5.75 7.73
C10 DHT C . 0.62 4.84 6.85
C11 DHT C . -0.49 7.15 7.11
C12 DHT C . -1.42 8.11 7.89
C13 DHT C . -2.74 7.46 8.34
C14 DHT C . -2.43 6.10 8.96
C15 DHT C . -3.78 5.64 9.52
C16 DHT C . -4.36 6.92 10.13
C17 DHT C . -3.47 8.05 9.56
O17 DHT C . -4.23 9.22 9.31
C18 DHT C . -3.67 7.43 7.12
C19 DHT C . -0.04 4.73 5.46
#